data_1W9E
#
_entry.id   1W9E
#
_cell.length_a   72.207
_cell.length_b   72.207
_cell.length_c   126.046
_cell.angle_alpha   90.00
_cell.angle_beta   90.00
_cell.angle_gamma   90.00
#
_symmetry.space_group_name_H-M   'P 41 21 2'
#
loop_
_entity.id
_entity.type
_entity.pdbx_description
1 polymer 'SYNTENIN 1'
2 polymer 'TNEFYF PEPTIDE'
3 non-polymer 'BENZOIC ACID'
4 water water
#
loop_
_entity_poly.entity_id
_entity_poly.type
_entity_poly.pdbx_seq_one_letter_code
_entity_poly.pdbx_strand_id
1 'polypeptide(L)'
;GAMDPREVILCKDQDGKIGLRLKSIDNGIFVQLVQANSPASLVGLRFGDQVLQINGENCAGWSSDKAHKVLKQAFGEKIT
MTIRDRPFERTITMHKDSTGHVGFIFKNGKITSIVKDSSAARNGLLTEHNICEINGQNVIGLKDSQIADILSTSGTVVTI
TIMPAF
;
A,B
2 'polypeptide(L)' TNEFYF R,S,T
#
# COMPACT_ATOMS: atom_id res chain seq x y z
N MET A 3 13.43 -5.62 -0.79
CA MET A 3 12.12 -6.31 -0.71
C MET A 3 12.08 -7.36 0.43
N ASP A 4 13.25 -7.85 0.83
CA ASP A 4 13.34 -8.93 1.81
C ASP A 4 13.46 -8.39 3.22
N PRO A 5 13.01 -9.18 4.19
CA PRO A 5 13.16 -8.82 5.61
C PRO A 5 14.63 -8.66 6.05
N ARG A 6 14.85 -7.80 7.01
CA ARG A 6 16.17 -7.58 7.60
C ARG A 6 16.09 -7.76 9.11
N GLU A 7 17.22 -8.08 9.72
CA GLU A 7 17.29 -8.30 11.14
C GLU A 7 17.97 -7.11 11.79
N VAL A 8 17.41 -6.65 12.91
CA VAL A 8 18.06 -5.68 13.76
C VAL A 8 18.22 -6.21 15.18
N ILE A 9 19.26 -5.74 15.85
CA ILE A 9 19.57 -6.13 17.21
C ILE A 9 19.73 -4.84 18.03
N LEU A 10 18.99 -4.74 19.12
CA LEU A 10 18.85 -3.49 19.89
C LEU A 10 19.22 -3.71 21.35
N CYS A 11 20.05 -2.85 21.93
CA CYS A 11 20.34 -2.93 23.38
C CYS A 11 19.43 -2.03 24.25
N LYS A 12 18.76 -2.62 25.24
CA LYS A 12 17.77 -1.98 26.12
C LYS A 12 18.44 -0.88 26.99
N ASP A 13 17.70 0.17 27.33
CA ASP A 13 18.15 1.05 28.42
C ASP A 13 17.92 0.35 29.77
N GLN A 14 18.16 1.07 30.85
CA GLN A 14 18.04 0.48 32.17
C GLN A 14 16.61 0.05 32.48
N ASP A 15 15.63 0.75 31.90
CA ASP A 15 14.20 0.42 32.02
C ASP A 15 13.75 -0.75 31.11
N GLY A 16 14.66 -1.28 30.30
CA GLY A 16 14.37 -2.33 29.34
C GLY A 16 13.81 -1.84 28.01
N LYS A 17 13.90 -0.53 27.77
CA LYS A 17 13.26 0.09 26.60
C LYS A 17 14.24 0.33 25.44
N ILE A 18 13.71 0.28 24.23
CA ILE A 18 14.50 0.46 23.02
C ILE A 18 14.11 1.70 22.19
N GLY A 19 13.01 2.37 22.53
CA GLY A 19 12.59 3.61 21.86
C GLY A 19 11.52 3.50 20.78
N LEU A 20 10.53 2.62 20.97
CA LEU A 20 9.55 2.32 19.94
C LEU A 20 8.13 2.39 20.52
N ARG A 21 7.17 2.80 19.72
CA ARG A 21 5.76 2.45 19.93
C ARG A 21 5.26 1.78 18.67
N LEU A 22 4.45 0.74 18.82
CA LEU A 22 3.97 -0.08 17.73
C LEU A 22 2.45 0.06 17.63
N LYS A 23 1.92 -0.41 16.50
CA LYS A 23 0.51 -0.35 16.15
C LYS A 23 0.13 -1.61 15.39
N SER A 24 -1.05 -2.13 15.70
CA SER A 24 -1.63 -3.24 14.98
C SER A 24 -2.44 -2.71 13.81
N ILE A 25 -2.10 -3.21 12.62
CA ILE A 25 -2.83 -2.89 11.39
C ILE A 25 -2.97 -4.17 10.59
N ASP A 26 -4.21 -4.52 10.25
CA ASP A 26 -4.50 -5.66 9.37
C ASP A 26 -3.81 -6.94 9.86
N ASN A 27 -3.77 -7.10 11.18
CA ASN A 27 -3.17 -8.26 11.83
C ASN A 27 -1.66 -8.41 11.64
N GLY A 28 -1.04 -7.29 11.31
CA GLY A 28 0.39 -7.12 11.40
C GLY A 28 0.75 -6.10 12.47
N ILE A 29 2.03 -5.94 12.72
CA ILE A 29 2.54 -4.98 13.71
C ILE A 29 3.48 -4.05 12.95
N PHE A 30 3.26 -2.77 13.19
CA PHE A 30 4.00 -1.71 12.49
C PHE A 30 4.60 -0.72 13.47
N VAL A 31 5.69 -0.10 13.06
CA VAL A 31 6.31 0.94 13.88
C VAL A 31 5.45 2.21 13.75
N GLN A 32 5.05 2.77 14.89
CA GLN A 32 4.24 3.98 14.91
C GLN A 32 5.07 5.20 15.30
N LEU A 33 5.95 5.04 16.28
CA LEU A 33 6.84 6.12 16.73
C LEU A 33 8.19 5.60 17.09
N VAL A 34 9.22 6.36 16.74
CA VAL A 34 10.59 6.01 17.11
C VAL A 34 11.14 7.22 17.85
N GLN A 35 11.62 6.98 19.06
CA GLN A 35 12.16 8.03 19.92
C GLN A 35 13.53 8.47 19.42
N ALA A 36 13.74 9.77 19.40
CA ALA A 36 15.04 10.31 19.04
C ALA A 36 16.17 9.76 19.85
N ASN A 37 17.23 9.40 19.12
CA ASN A 37 18.52 8.97 19.65
C ASN A 37 18.46 7.73 20.48
N SER A 38 17.45 6.93 20.17
CA SER A 38 17.27 5.64 20.79
C SER A 38 17.98 4.54 20.00
N PRO A 39 18.17 3.37 20.61
CA PRO A 39 18.62 2.21 19.85
C PRO A 39 17.78 1.94 18.59
N ALA A 40 16.47 2.08 18.69
CA ALA A 40 15.60 1.89 17.53
C ALA A 40 15.88 2.89 16.42
N SER A 41 16.12 4.15 16.76
CA SER A 41 16.53 5.14 15.79
C SER A 41 17.84 4.78 15.09
N LEU A 42 18.80 4.33 15.88
CA LEU A 42 20.13 4.05 15.38
C LEU A 42 20.13 2.97 14.32
N VAL A 43 19.35 1.91 14.51
CA VAL A 43 19.29 0.81 13.56
C VAL A 43 18.35 1.11 12.37
N GLY A 44 17.73 2.28 12.38
CA GLY A 44 17.04 2.80 11.21
C GLY A 44 15.58 2.38 11.15
N LEU A 45 15.01 2.01 12.29
CA LEU A 45 13.57 1.80 12.31
C LEU A 45 12.84 3.10 12.06
N ARG A 46 11.73 3.03 11.32
CA ARG A 46 10.96 4.19 10.93
C ARG A 46 9.49 3.90 10.95
N PHE A 47 8.72 4.95 11.15
CA PHE A 47 7.28 4.95 11.01
C PHE A 47 6.92 4.17 9.76
N GLY A 48 6.10 3.15 9.90
CA GLY A 48 5.65 2.37 8.78
C GLY A 48 6.37 1.06 8.56
N ASP A 49 7.53 0.87 9.18
CA ASP A 49 8.18 -0.42 9.05
C ASP A 49 7.30 -1.51 9.69
N GLN A 50 7.34 -2.70 9.13
CA GLN A 50 6.55 -3.82 9.65
C GLN A 50 7.47 -4.72 10.46
N VAL A 51 6.99 -5.14 11.62
CA VAL A 51 7.72 -6.03 12.50
C VAL A 51 7.13 -7.41 12.35
N LEU A 52 7.91 -8.31 11.76
CA LEU A 52 7.48 -9.67 11.48
C LEU A 52 7.67 -10.59 12.69
N GLN A 53 8.81 -10.45 13.34
CA GLN A 53 9.15 -11.19 14.55
C GLN A 53 9.83 -10.30 15.58
N ILE A 54 9.59 -10.63 16.85
CA ILE A 54 10.38 -10.10 17.96
C ILE A 54 11.00 -11.31 18.66
N ASN A 55 12.32 -11.32 18.76
CA ASN A 55 13.07 -12.47 19.31
C ASN A 55 12.57 -13.80 18.71
N GLY A 56 12.33 -13.76 17.40
CA GLY A 56 12.04 -14.95 16.62
C GLY A 56 10.60 -15.42 16.65
N GLU A 57 9.77 -14.71 17.42
CA GLU A 57 8.37 -15.02 17.61
C GLU A 57 7.53 -14.16 16.68
N ASN A 58 6.61 -14.80 15.96
CA ASN A 58 5.76 -14.11 14.97
C ASN A 58 4.85 -13.07 15.66
N CYS A 59 4.78 -11.89 15.08
CA CYS A 59 3.90 -10.81 15.55
C CYS A 59 2.47 -10.93 15.02
N ALA A 60 2.22 -11.84 14.08
CA ALA A 60 0.93 -11.92 13.41
C ALA A 60 -0.17 -11.98 14.41
N GLY A 61 -1.14 -11.06 14.24
CA GLY A 61 -2.36 -11.05 15.01
C GLY A 61 -2.23 -10.44 16.39
N TRP A 62 -1.02 -10.05 16.76
CA TRP A 62 -0.82 -9.39 18.07
C TRP A 62 -1.45 -8.01 18.09
N SER A 63 -1.96 -7.62 19.25
CA SER A 63 -2.32 -6.22 19.45
C SER A 63 -1.06 -5.43 19.72
N SER A 64 -1.13 -4.10 19.64
CA SER A 64 0.01 -3.33 20.07
C SER A 64 0.34 -3.47 21.53
N ASP A 65 -0.68 -3.56 22.39
CA ASP A 65 -0.42 -3.80 23.78
C ASP A 65 0.36 -5.09 23.99
N LYS A 66 0.01 -6.14 23.25
CA LYS A 66 0.74 -7.41 23.33
C LYS A 66 2.19 -7.25 22.85
N ALA A 67 2.36 -6.57 21.74
CA ALA A 67 3.72 -6.40 21.22
C ALA A 67 4.60 -5.63 22.21
N HIS A 68 4.03 -4.59 22.83
CA HIS A 68 4.74 -3.83 23.86
C HIS A 68 5.06 -4.65 25.07
N LYS A 69 4.12 -5.49 25.48
CA LYS A 69 4.34 -6.38 26.59
C LYS A 69 5.49 -7.36 26.31
N VAL A 70 5.56 -7.84 25.08
CA VAL A 70 6.63 -8.73 24.67
C VAL A 70 7.98 -8.03 24.79
N LEU A 71 8.04 -6.78 24.36
CA LEU A 71 9.26 -6.02 24.51
C LEU A 71 9.63 -5.83 25.97
N LYS A 72 8.65 -5.47 26.79
CA LYS A 72 8.85 -5.23 28.23
C LYS A 72 9.37 -6.46 28.94
N GLN A 73 8.89 -7.63 28.53
CA GLN A 73 9.16 -8.86 29.27
C GLN A 73 10.33 -9.63 28.66
N ALA A 74 10.91 -9.10 27.60
CA ALA A 74 12.00 -9.79 26.91
C ALA A 74 13.20 -10.02 27.82
N PHE A 75 13.79 -11.21 27.70
CA PHE A 75 14.91 -11.58 28.54
C PHE A 75 16.22 -11.11 27.92
N GLY A 76 17.14 -10.67 28.76
CA GLY A 76 18.47 -10.36 28.27
C GLY A 76 18.60 -8.91 27.90
N GLU A 77 19.80 -8.52 27.52
CA GLU A 77 20.09 -7.11 27.35
C GLU A 77 19.96 -6.67 25.90
N LYS A 78 19.73 -7.61 24.99
CA LYS A 78 19.46 -7.30 23.57
C LYS A 78 18.14 -7.89 23.08
N ILE A 79 17.45 -7.12 22.23
CA ILE A 79 16.21 -7.56 21.59
C ILE A 79 16.47 -7.66 20.09
N THR A 80 16.10 -8.78 19.49
CA THR A 80 16.20 -8.95 18.06
C THR A 80 14.83 -8.75 17.42
N MET A 81 14.77 -8.09 16.28
CA MET A 81 13.54 -7.98 15.51
C MET A 81 13.80 -8.27 14.06
N THR A 82 12.83 -8.86 13.37
CA THR A 82 12.87 -9.06 11.92
C THR A 82 11.86 -8.08 11.32
N ILE A 83 12.33 -7.29 10.38
CA ILE A 83 11.67 -6.09 9.87
C ILE A 83 11.50 -6.14 8.38
N ARG A 84 10.29 -5.81 7.90
CA ARG A 84 10.10 -5.53 6.50
C ARG A 84 10.00 -4.03 6.35
N ASP A 85 10.91 -3.46 5.58
CA ASP A 85 10.99 -2.01 5.45
C ASP A 85 9.71 -1.46 4.80
N ARG A 86 9.20 -0.39 5.39
CA ARG A 86 7.93 0.30 5.01
C ARG A 86 7.20 -0.28 3.81
N PRO A 87 6.43 -1.35 4.02
CA PRO A 87 5.82 -2.02 2.89
C PRO A 87 4.77 -1.19 2.14
N PHE A 88 4.17 -0.22 2.80
CA PHE A 88 3.17 0.68 2.20
C PHE A 88 3.77 1.92 1.52
N GLU A 89 5.08 2.09 1.53
CA GLU A 89 5.70 3.26 0.89
C GLU A 89 5.66 3.25 -0.64
N ARG A 90 5.40 4.44 -1.20
CA ARG A 90 5.48 4.68 -2.65
C ARG A 90 6.12 6.05 -2.83
N THR A 91 6.65 6.27 -4.02
CA THR A 91 7.34 7.51 -4.33
C THR A 91 6.64 8.21 -5.49
N ILE A 92 6.46 9.52 -5.35
CA ILE A 92 5.82 10.34 -6.37
C ILE A 92 6.67 11.58 -6.59
N THR A 93 6.92 11.89 -7.85
CA THR A 93 7.67 13.09 -8.23
C THR A 93 6.74 14.07 -8.95
N MET A 94 6.77 15.31 -8.50
CA MET A 94 5.97 16.38 -9.05
C MET A 94 6.87 17.56 -9.39
N HIS A 95 6.33 18.47 -10.19
CA HIS A 95 7.01 19.70 -10.57
C HIS A 95 6.19 20.89 -10.14
N LYS A 96 6.82 21.84 -9.47
CA LYS A 96 6.15 23.08 -9.16
C LYS A 96 5.72 23.80 -10.43
N ASP A 97 4.57 24.44 -10.34
CA ASP A 97 4.03 25.25 -11.45
C ASP A 97 4.56 26.67 -11.34
N SER A 98 4.00 27.60 -12.13
CA SER A 98 4.52 28.97 -12.16
C SER A 98 4.41 29.72 -10.83
N THR A 99 3.39 29.35 -10.04
CA THR A 99 3.15 29.91 -8.70
C THR A 99 3.93 29.20 -7.59
N GLY A 100 4.78 28.24 -7.95
CA GLY A 100 5.57 27.51 -6.97
C GLY A 100 4.84 26.39 -6.26
N HIS A 101 3.71 25.93 -6.79
CA HIS A 101 2.93 24.88 -6.16
C HIS A 101 2.93 23.59 -6.96
N VAL A 102 2.98 22.49 -6.24
CA VAL A 102 2.86 21.17 -6.87
C VAL A 102 1.41 20.69 -6.95
N GLY A 103 0.52 21.17 -6.08
CA GLY A 103 -0.91 20.93 -6.23
C GLY A 103 -1.68 20.15 -5.20
N PHE A 104 -1.41 20.33 -3.90
CA PHE A 104 -2.22 19.68 -2.91
C PHE A 104 -2.30 20.49 -1.64
N ILE A 105 -3.38 20.21 -0.93
CA ILE A 105 -3.64 20.73 0.41
C ILE A 105 -3.12 19.73 1.43
N PHE A 106 -2.49 20.24 2.48
CA PHE A 106 -1.83 19.40 3.46
C PHE A 106 -2.19 19.86 4.86
N LYS A 107 -2.38 18.93 5.76
CA LYS A 107 -2.49 19.29 7.18
C LYS A 107 -2.14 18.12 8.04
N ASN A 108 -1.48 18.39 9.17
CA ASN A 108 -1.15 17.35 10.14
C ASN A 108 -0.48 16.15 9.45
N GLY A 109 0.47 16.42 8.56
CA GLY A 109 1.28 15.36 8.00
C GLY A 109 0.63 14.65 6.82
N LYS A 110 -0.57 15.05 6.47
CA LYS A 110 -1.42 14.31 5.56
C LYS A 110 -1.90 15.14 4.38
N ILE A 111 -1.94 14.50 3.22
CA ILE A 111 -2.50 15.10 2.02
C ILE A 111 -4.02 15.00 2.08
N THR A 112 -4.72 16.13 1.91
CA THR A 112 -6.17 16.14 2.10
C THR A 112 -6.98 16.52 0.86
N SER A 113 -6.39 17.27 -0.06
CA SER A 113 -7.02 17.59 -1.37
C SER A 113 -6.00 17.64 -2.45
N ILE A 114 -6.43 17.35 -3.69
CA ILE A 114 -5.56 17.47 -4.86
C ILE A 114 -6.13 18.58 -5.70
N VAL A 115 -5.28 19.51 -6.07
CA VAL A 115 -5.72 20.69 -6.82
C VAL A 115 -5.83 20.34 -8.30
N LYS A 116 -6.93 20.73 -8.91
CA LYS A 116 -7.20 20.39 -10.31
C LYS A 116 -6.12 20.86 -11.28
N ASP A 117 -5.72 19.91 -12.15
CA ASP A 117 -4.77 20.09 -13.24
C ASP A 117 -3.38 20.55 -12.82
N SER A 118 -3.05 20.27 -11.58
CA SER A 118 -1.71 20.43 -11.06
C SER A 118 -0.84 19.22 -11.36
N SER A 119 0.44 19.35 -11.05
CA SER A 119 1.36 18.25 -11.19
C SER A 119 0.92 17.10 -10.24
N ALA A 120 0.49 17.41 -9.04
CA ALA A 120 -0.07 16.37 -8.19
C ALA A 120 -1.21 15.59 -8.87
N ALA A 121 -2.12 16.30 -9.49
CA ALA A 121 -3.18 15.65 -10.25
C ALA A 121 -2.66 14.81 -11.38
N ARG A 122 -1.77 15.36 -12.19
CA ARG A 122 -1.23 14.58 -13.32
C ARG A 122 -0.54 13.32 -12.88
N ASN A 123 0.16 13.39 -11.74
CA ASN A 123 0.89 12.24 -11.20
C ASN A 123 0.05 11.31 -10.35
N GLY A 124 -1.22 11.62 -10.13
CA GLY A 124 -2.10 10.69 -9.43
C GLY A 124 -1.82 10.62 -7.94
N LEU A 125 -1.42 11.75 -7.36
CA LEU A 125 -1.24 11.83 -5.92
C LEU A 125 -2.57 11.55 -5.23
N LEU A 126 -2.51 10.83 -4.12
CA LEU A 126 -3.71 10.44 -3.39
C LEU A 126 -3.83 11.14 -2.06
N THR A 127 -5.06 11.34 -1.63
CA THR A 127 -5.37 11.89 -0.31
C THR A 127 -5.37 10.77 0.72
N GLU A 128 -5.57 11.16 1.98
CA GLU A 128 -5.50 10.23 3.10
C GLU A 128 -4.19 9.43 3.06
N HIS A 129 -3.12 10.13 2.71
CA HIS A 129 -1.78 9.61 2.70
C HIS A 129 -0.88 10.53 3.50
N ASN A 130 0.01 9.93 4.30
CA ASN A 130 1.03 10.69 5.02
C ASN A 130 2.24 10.87 4.15
N ILE A 131 2.92 12.00 4.29
CA ILE A 131 4.18 12.23 3.63
C ILE A 131 5.28 11.81 4.61
N CYS A 132 6.19 11.00 4.13
CA CYS A 132 7.32 10.50 4.95
C CYS A 132 8.57 11.29 4.71
N GLU A 133 8.90 11.55 3.44
CA GLU A 133 10.09 12.31 3.08
C GLU A 133 9.81 13.25 1.90
N ILE A 134 10.52 14.37 1.90
CA ILE A 134 10.52 15.30 0.79
C ILE A 134 11.96 15.53 0.41
N ASN A 135 12.33 15.15 -0.80
CA ASN A 135 13.68 15.36 -1.31
C ASN A 135 14.71 14.84 -0.34
N GLY A 136 14.43 13.67 0.23
CA GLY A 136 15.37 13.03 1.14
C GLY A 136 15.26 13.49 2.57
N GLN A 137 14.45 14.47 2.84
CA GLN A 137 14.33 14.98 4.20
C GLN A 137 13.15 14.31 4.86
N ASN A 138 13.40 13.54 5.91
CA ASN A 138 12.33 12.91 6.64
C ASN A 138 11.49 13.96 7.35
N VAL A 139 10.18 13.95 7.12
CA VAL A 139 9.27 14.89 7.75
C VAL A 139 8.34 14.31 8.79
N ILE A 140 8.48 13.03 9.09
CA ILE A 140 7.77 12.44 10.23
C ILE A 140 8.27 13.09 11.53
N GLY A 141 7.31 13.56 12.33
CA GLY A 141 7.61 14.32 13.52
C GLY A 141 7.79 15.83 13.39
N LEU A 142 7.89 16.34 12.15
CA LEU A 142 8.02 17.76 11.91
C LEU A 142 6.65 18.41 11.97
N LYS A 143 6.62 19.66 12.39
CA LYS A 143 5.41 20.47 12.31
C LYS A 143 5.15 20.85 10.86
N ASP A 144 3.89 21.10 10.53
CA ASP A 144 3.53 21.52 9.17
C ASP A 144 4.29 22.73 8.69
N SER A 145 4.55 23.68 9.59
CA SER A 145 5.27 24.88 9.16
C SER A 145 6.69 24.54 8.74
N GLN A 146 7.29 23.53 9.36
CA GLN A 146 8.63 23.11 9.00
C GLN A 146 8.61 22.41 7.65
N ILE A 147 7.53 21.69 7.40
CA ILE A 147 7.34 20.97 6.15
C ILE A 147 7.07 21.97 5.02
N ALA A 148 6.30 23.03 5.34
CA ALA A 148 6.11 24.14 4.42
C ALA A 148 7.42 24.80 4.03
N ASP A 149 8.38 24.95 4.96
CA ASP A 149 9.68 25.53 4.61
C ASP A 149 10.51 24.65 3.70
N ILE A 150 10.50 23.35 3.99
CA ILE A 150 11.19 22.40 3.11
C ILE A 150 10.59 22.53 1.70
N LEU A 151 9.28 22.57 1.58
CA LEU A 151 8.66 22.71 0.26
C LEU A 151 8.93 24.03 -0.43
N SER A 152 8.81 25.13 0.31
CA SER A 152 9.14 26.46 -0.25
C SER A 152 10.56 26.51 -0.81
N THR A 153 11.52 25.97 -0.05
CA THR A 153 12.89 26.12 -0.46
C THR A 153 13.30 25.11 -1.50
N SER A 154 12.48 24.07 -1.71
CA SER A 154 12.77 23.10 -2.76
C SER A 154 12.83 23.73 -4.16
N GLY A 155 13.73 23.22 -4.98
CA GLY A 155 13.67 23.44 -6.41
C GLY A 155 12.34 22.97 -6.99
N THR A 156 12.22 23.08 -8.30
CA THR A 156 11.02 22.80 -9.03
C THR A 156 10.62 21.31 -8.85
N VAL A 157 11.60 20.43 -8.92
CA VAL A 157 11.30 19.00 -8.87
C VAL A 157 11.24 18.58 -7.41
N VAL A 158 10.12 17.98 -7.03
CA VAL A 158 9.80 17.64 -5.65
C VAL A 158 9.46 16.16 -5.63
N THR A 159 10.30 15.36 -4.97
CA THR A 159 10.09 13.92 -4.85
C THR A 159 9.67 13.63 -3.43
N ILE A 160 8.49 13.05 -3.26
CA ILE A 160 8.01 12.67 -1.94
C ILE A 160 7.77 11.18 -1.85
N THR A 161 7.93 10.67 -0.65
CA THR A 161 7.50 9.35 -0.32
C THR A 161 6.25 9.45 0.55
N ILE A 162 5.29 8.59 0.25
CA ILE A 162 4.01 8.60 0.91
C ILE A 162 3.59 7.19 1.32
N MET A 163 2.66 7.16 2.25
CA MET A 163 2.05 5.94 2.74
C MET A 163 0.59 6.20 3.03
N PRO A 164 -0.27 5.27 2.72
CA PRO A 164 -1.67 5.41 3.13
C PRO A 164 -1.75 5.57 4.63
N ALA A 165 -2.68 6.40 5.10
CA ALA A 165 -2.79 6.71 6.53
C ALA A 165 -3.67 5.69 7.22
N PHE A 166 -3.11 4.50 7.41
CA PHE A 166 -3.78 3.39 8.11
C PHE A 166 -3.65 3.61 9.61
N MET B 3 7.82 4.47 -10.39
CA MET B 3 7.48 3.50 -11.49
C MET B 3 6.72 4.27 -12.58
N ASP B 4 7.22 4.32 -13.82
CA ASP B 4 6.57 5.16 -14.84
C ASP B 4 5.24 4.59 -15.31
N PRO B 5 4.29 5.49 -15.57
CA PRO B 5 3.00 5.11 -16.13
C PRO B 5 3.17 4.60 -17.54
N ARG B 6 2.10 4.08 -18.07
CA ARG B 6 2.07 3.61 -19.44
C ARG B 6 0.78 4.03 -20.12
N GLU B 7 0.84 4.11 -21.46
CA GLU B 7 -0.25 4.59 -22.26
C GLU B 7 -0.94 3.42 -22.98
N VAL B 8 -2.27 3.38 -22.98
CA VAL B 8 -3.05 2.38 -23.71
C VAL B 8 -4.10 3.09 -24.54
N ILE B 9 -4.50 2.47 -25.64
CA ILE B 9 -5.55 2.96 -26.51
C ILE B 9 -6.51 1.83 -26.72
N LEU B 10 -7.75 2.03 -26.28
CA LEU B 10 -8.77 1.04 -26.30
C LEU B 10 -9.66 1.38 -27.47
N CYS B 11 -10.28 0.33 -28.01
CA CYS B 11 -11.27 0.46 -29.06
C CYS B 11 -12.56 -0.18 -28.57
N LYS B 12 -13.64 0.61 -28.56
CA LYS B 12 -14.95 0.13 -28.10
C LYS B 12 -15.43 -1.11 -28.84
N ASP B 13 -16.24 -1.90 -28.14
CA ASP B 13 -17.02 -3.01 -28.73
C ASP B 13 -18.34 -2.46 -29.34
N GLN B 14 -19.29 -3.36 -29.59
CA GLN B 14 -20.55 -3.04 -30.28
C GLN B 14 -21.53 -2.22 -29.42
N ASP B 15 -21.52 -2.46 -28.11
CA ASP B 15 -22.43 -1.77 -27.19
C ASP B 15 -21.83 -0.45 -26.64
N GLY B 16 -20.74 0.04 -27.25
CA GLY B 16 -20.03 1.21 -26.74
C GLY B 16 -19.30 1.03 -25.41
N LYS B 17 -19.18 -0.22 -24.94
CA LYS B 17 -18.48 -0.53 -23.70
C LYS B 17 -17.07 -1.11 -23.95
N ILE B 18 -16.20 -0.99 -22.94
CA ILE B 18 -14.84 -1.48 -23.02
C ILE B 18 -14.52 -2.62 -22.05
N GLY B 19 -15.53 -3.05 -21.27
CA GLY B 19 -15.37 -4.12 -20.31
C GLY B 19 -14.67 -3.69 -19.03
N LEU B 20 -14.90 -2.47 -18.58
CA LEU B 20 -14.16 -1.91 -17.48
C LEU B 20 -15.08 -1.29 -16.43
N ARG B 21 -14.84 -1.66 -15.18
CA ARG B 21 -15.44 -0.97 -14.03
C ARG B 21 -14.35 -0.30 -13.23
N LEU B 22 -14.66 0.90 -12.76
CA LEU B 22 -13.71 1.77 -12.05
C LEU B 22 -14.26 2.14 -10.68
N LYS B 23 -13.37 2.62 -9.82
CA LYS B 23 -13.72 2.96 -8.44
C LYS B 23 -12.85 4.10 -7.98
N SER B 24 -13.45 5.06 -7.28
CA SER B 24 -12.74 6.16 -6.65
C SER B 24 -12.16 5.69 -5.33
N ILE B 25 -10.85 5.91 -5.15
CA ILE B 25 -10.17 5.66 -3.89
C ILE B 25 -9.23 6.82 -3.62
N ASP B 26 -9.41 7.52 -2.50
CA ASP B 26 -8.46 8.55 -2.05
C ASP B 26 -8.19 9.60 -3.16
N ASN B 27 -9.25 9.99 -3.84
CA ASN B 27 -9.26 11.00 -4.91
C ASN B 27 -8.44 10.58 -6.15
N GLY B 28 -8.29 9.28 -6.31
CA GLY B 28 -7.81 8.68 -7.54
C GLY B 28 -8.88 7.76 -8.10
N ILE B 29 -8.62 7.19 -9.28
CA ILE B 29 -9.48 6.26 -9.95
C ILE B 29 -8.72 4.97 -10.20
N PHE B 30 -9.35 3.85 -9.86
CA PHE B 30 -8.70 2.56 -9.94
C PHE B 30 -9.58 1.59 -10.70
N VAL B 31 -8.94 0.64 -11.38
CA VAL B 31 -9.67 -0.44 -12.05
C VAL B 31 -10.23 -1.39 -10.99
N GLN B 32 -11.54 -1.63 -11.07
CA GLN B 32 -12.25 -2.52 -10.13
C GLN B 32 -12.57 -3.88 -10.73
N LEU B 33 -12.75 -3.94 -12.05
CA LEU B 33 -13.03 -5.20 -12.74
C LEU B 33 -12.79 -5.08 -14.22
N VAL B 34 -12.13 -6.10 -14.78
CA VAL B 34 -11.78 -6.15 -16.22
C VAL B 34 -12.41 -7.42 -16.77
N GLN B 35 -13.35 -7.23 -17.69
CA GLN B 35 -14.00 -8.34 -18.36
C GLN B 35 -13.03 -9.07 -19.27
N ALA B 36 -13.16 -10.41 -19.27
CA ALA B 36 -12.34 -11.26 -20.10
C ALA B 36 -12.66 -10.98 -21.56
N ASN B 37 -11.64 -11.08 -22.41
CA ASN B 37 -11.80 -10.84 -23.85
C ASN B 37 -12.57 -9.56 -24.18
N SER B 38 -12.11 -8.47 -23.59
CA SER B 38 -12.71 -7.15 -23.76
C SER B 38 -11.66 -6.19 -24.29
N PRO B 39 -12.07 -5.03 -24.78
CA PRO B 39 -11.08 -3.99 -25.09
C PRO B 39 -10.14 -3.69 -23.91
N ALA B 40 -10.65 -3.72 -22.67
CA ALA B 40 -9.82 -3.51 -21.49
C ALA B 40 -8.79 -4.60 -21.25
N SER B 41 -9.14 -5.87 -21.51
CA SER B 41 -8.17 -6.95 -21.33
C SER B 41 -7.14 -6.93 -22.46
N LEU B 42 -7.56 -6.56 -23.66
CA LEU B 42 -6.63 -6.43 -24.81
C LEU B 42 -5.44 -5.53 -24.54
N VAL B 43 -5.67 -4.48 -23.76
CA VAL B 43 -4.61 -3.56 -23.43
C VAL B 43 -3.95 -3.85 -22.06
N GLY B 44 -4.35 -4.94 -21.42
CA GLY B 44 -3.66 -5.38 -20.23
C GLY B 44 -4.03 -4.67 -18.95
N LEU B 45 -5.24 -4.13 -18.90
CA LEU B 45 -5.72 -3.54 -17.65
C LEU B 45 -6.01 -4.65 -16.65
N ARG B 46 -5.71 -4.35 -15.39
CA ARG B 46 -5.90 -5.29 -14.29
C ARG B 46 -6.48 -4.58 -13.08
N PHE B 47 -7.22 -5.33 -12.30
CA PHE B 47 -7.72 -4.91 -11.01
C PHE B 47 -6.62 -4.22 -10.24
N GLY B 48 -6.90 -3.02 -9.76
CA GLY B 48 -5.93 -2.30 -8.95
C GLY B 48 -5.05 -1.32 -9.73
N ASP B 49 -5.03 -1.42 -11.05
CA ASP B 49 -4.36 -0.40 -11.83
C ASP B 49 -5.00 0.99 -11.59
N GLN B 50 -4.18 2.02 -11.58
CA GLN B 50 -4.64 3.36 -11.37
C GLN B 50 -4.76 4.09 -12.72
N VAL B 51 -5.89 4.72 -12.95
CA VAL B 51 -6.12 5.47 -14.18
C VAL B 51 -5.82 6.94 -13.88
N LEU B 52 -4.75 7.45 -14.47
CA LEU B 52 -4.32 8.82 -14.25
C LEU B 52 -5.04 9.81 -15.15
N GLN B 53 -5.25 9.40 -16.39
CA GLN B 53 -5.93 10.25 -17.38
C GLN B 53 -6.75 9.43 -18.33
N ILE B 54 -7.86 10.00 -18.81
CA ILE B 54 -8.72 9.42 -19.85
C ILE B 54 -8.91 10.52 -20.89
N ASN B 55 -8.57 10.23 -22.13
CA ASN B 55 -8.78 11.14 -23.24
C ASN B 55 -8.25 12.55 -22.96
N GLY B 56 -7.08 12.66 -22.30
CA GLY B 56 -6.47 13.94 -22.05
C GLY B 56 -7.02 14.74 -20.89
N GLU B 57 -7.82 14.11 -20.05
CA GLU B 57 -8.34 14.72 -18.82
C GLU B 57 -7.80 13.95 -17.62
N ASN B 58 -7.28 14.66 -16.64
CA ASN B 58 -6.87 14.01 -15.40
C ASN B 58 -8.07 13.44 -14.66
N CYS B 59 -7.92 12.24 -14.09
CA CYS B 59 -9.00 11.59 -13.36
C CYS B 59 -9.03 12.02 -11.88
N ALA B 60 -8.02 12.79 -11.44
CA ALA B 60 -7.92 13.18 -10.02
C ALA B 60 -9.23 13.77 -9.57
N GLY B 61 -9.73 13.26 -8.45
CA GLY B 61 -10.93 13.81 -7.84
C GLY B 61 -12.25 13.35 -8.44
N TRP B 62 -12.23 12.56 -9.52
CA TRP B 62 -13.49 12.10 -10.11
C TRP B 62 -14.16 11.09 -9.19
N SER B 63 -15.48 11.12 -9.17
CA SER B 63 -16.21 10.02 -8.53
C SER B 63 -16.26 8.78 -9.42
N SER B 64 -16.67 7.65 -8.85
CA SER B 64 -16.94 6.42 -9.58
C SER B 64 -17.99 6.66 -10.67
N ASP B 65 -19.07 7.33 -10.28
CA ASP B 65 -20.16 7.61 -11.22
C ASP B 65 -19.66 8.46 -12.39
N LYS B 66 -18.82 9.47 -12.10
CA LYS B 66 -18.32 10.33 -13.16
C LYS B 66 -17.42 9.56 -14.13
N ALA B 67 -16.55 8.75 -13.57
CA ALA B 67 -15.65 7.95 -14.38
C ALA B 67 -16.43 7.05 -15.31
N HIS B 68 -17.48 6.41 -14.81
CA HIS B 68 -18.29 5.49 -15.60
C HIS B 68 -19.02 6.23 -16.68
N LYS B 69 -19.53 7.42 -16.35
CA LYS B 69 -20.21 8.28 -17.29
C LYS B 69 -19.29 8.76 -18.39
N VAL B 70 -18.05 9.10 -18.05
CA VAL B 70 -17.11 9.58 -19.02
C VAL B 70 -16.80 8.45 -20.02
N LEU B 71 -16.68 7.23 -19.54
CA LEU B 71 -16.44 6.07 -20.41
C LEU B 71 -17.64 5.81 -21.30
N LYS B 72 -18.82 5.81 -20.71
CA LYS B 72 -20.04 5.48 -21.44
C LYS B 72 -20.24 6.50 -22.55
N GLN B 73 -19.92 7.75 -22.26
CA GLN B 73 -20.13 8.91 -23.15
C GLN B 73 -19.00 9.18 -24.12
N ALA B 74 -17.88 8.46 -23.99
CA ALA B 74 -16.66 8.77 -24.75
C ALA B 74 -16.94 8.75 -26.25
N PHE B 75 -16.47 9.80 -26.93
CA PHE B 75 -16.85 10.09 -28.31
C PHE B 75 -15.85 9.46 -29.28
N GLY B 76 -16.40 8.83 -30.31
CA GLY B 76 -15.60 8.03 -31.21
C GLY B 76 -15.38 6.65 -30.64
N GLU B 77 -14.55 5.89 -31.34
CA GLU B 77 -14.39 4.48 -31.04
C GLU B 77 -13.12 4.19 -30.25
N LYS B 78 -12.22 5.16 -30.18
CA LYS B 78 -10.96 5.02 -29.44
C LYS B 78 -10.96 5.82 -28.15
N ILE B 79 -10.51 5.19 -27.08
CA ILE B 79 -10.35 5.83 -25.76
C ILE B 79 -8.89 5.70 -25.37
N THR B 80 -8.24 6.82 -25.06
CA THR B 80 -6.85 6.81 -24.60
C THR B 80 -6.82 6.89 -23.08
N MET B 81 -5.91 6.14 -22.46
CA MET B 81 -5.67 6.22 -21.03
C MET B 81 -4.23 6.15 -20.67
N THR B 82 -3.89 6.80 -19.56
CA THR B 82 -2.58 6.66 -18.95
C THR B 82 -2.81 5.96 -17.61
N ILE B 83 -2.06 4.89 -17.40
CA ILE B 83 -2.20 3.96 -16.30
C ILE B 83 -0.93 3.91 -15.46
N ARG B 84 -1.09 3.94 -14.16
CA ARG B 84 -0.01 3.55 -13.26
C ARG B 84 -0.31 2.16 -12.79
N ASP B 85 0.58 1.22 -13.16
CA ASP B 85 0.34 -0.16 -12.87
C ASP B 85 0.25 -0.35 -11.33
N ARG B 86 -0.74 -1.14 -10.95
CA ARG B 86 -1.21 -1.29 -9.58
C ARG B 86 -0.28 -0.85 -8.45
N PRO B 87 -0.43 0.41 -8.09
CA PRO B 87 0.51 1.06 -7.18
C PRO B 87 0.53 0.49 -5.77
N PHE B 88 -0.57 -0.12 -5.35
CA PHE B 88 -0.64 -0.73 -4.02
C PHE B 88 -0.26 -2.19 -3.98
N GLU B 89 0.24 -2.73 -5.07
CA GLU B 89 0.61 -4.14 -5.11
C GLU B 89 1.81 -4.46 -4.22
N ARG B 90 1.68 -5.57 -3.52
CA ARG B 90 2.80 -6.22 -2.84
C ARG B 90 2.78 -7.71 -3.16
N THR B 91 3.93 -8.34 -3.03
CA THR B 91 4.09 -9.73 -3.29
C THR B 91 4.59 -10.43 -2.02
N ILE B 92 3.95 -11.55 -1.70
CA ILE B 92 4.31 -12.38 -0.56
C ILE B 92 4.52 -13.79 -1.06
N THR B 93 5.64 -14.40 -0.66
CA THR B 93 5.91 -15.80 -0.98
C THR B 93 5.85 -16.66 0.27
N MET B 94 5.04 -17.71 0.20
CA MET B 94 4.80 -18.63 1.28
C MET B 94 5.10 -20.07 0.82
N HIS B 95 5.26 -20.93 1.81
CA HIS B 95 5.59 -22.34 1.58
C HIS B 95 4.58 -23.18 2.32
N LYS B 96 3.97 -24.15 1.61
CA LYS B 96 3.01 -25.05 2.20
C LYS B 96 3.62 -25.92 3.28
N ASP B 97 2.84 -26.15 4.33
CA ASP B 97 3.22 -27.07 5.40
C ASP B 97 2.84 -28.49 5.03
N SER B 98 3.04 -29.42 5.97
CA SER B 98 2.79 -30.83 5.71
C SER B 98 1.35 -31.18 5.46
N THR B 99 0.44 -30.28 5.80
CA THR B 99 -0.96 -30.48 5.53
C THR B 99 -1.43 -29.79 4.26
N GLY B 100 -0.53 -29.07 3.57
CA GLY B 100 -0.85 -28.47 2.29
C GLY B 100 -1.33 -27.03 2.44
N HIS B 101 -1.10 -26.44 3.60
CA HIS B 101 -1.61 -25.09 3.87
C HIS B 101 -0.50 -24.08 4.02
N VAL B 102 -0.78 -22.85 3.63
CA VAL B 102 0.15 -21.76 3.82
C VAL B 102 -0.18 -20.90 5.04
N GLY B 103 -1.44 -20.89 5.48
CA GLY B 103 -1.81 -20.30 6.76
C GLY B 103 -2.72 -19.12 6.84
N PHE B 104 -3.79 -19.10 6.04
CA PHE B 104 -4.77 -18.01 6.21
C PHE B 104 -6.17 -18.44 5.87
N ILE B 105 -7.11 -17.66 6.41
CA ILE B 105 -8.52 -17.84 6.13
C ILE B 105 -8.91 -16.83 5.09
N PHE B 106 -9.79 -17.23 4.17
CA PHE B 106 -10.13 -16.47 2.98
C PHE B 106 -11.64 -16.54 2.79
N LYS B 107 -12.25 -15.41 2.45
CA LYS B 107 -13.69 -15.37 2.19
C LYS B 107 -14.01 -14.19 1.28
N ASN B 108 -14.77 -14.46 0.23
CA ASN B 108 -15.20 -13.43 -0.71
C ASN B 108 -14.04 -12.60 -1.23
N GLY B 109 -12.96 -13.30 -1.57
CA GLY B 109 -11.84 -12.69 -2.25
C GLY B 109 -10.92 -11.94 -1.32
N LYS B 110 -11.17 -12.04 -0.01
CA LYS B 110 -10.37 -11.35 1.02
C LYS B 110 -9.69 -12.30 2.00
N ILE B 111 -8.46 -12.00 2.35
CA ILE B 111 -7.77 -12.64 3.46
C ILE B 111 -8.33 -12.07 4.75
N THR B 112 -8.85 -12.93 5.62
CA THR B 112 -9.55 -12.46 6.84
C THR B 112 -8.89 -12.80 8.17
N SER B 113 -8.03 -13.81 8.20
CA SER B 113 -7.33 -14.17 9.41
C SER B 113 -6.02 -14.87 9.03
N ILE B 114 -5.02 -14.72 9.89
CA ILE B 114 -3.73 -15.40 9.73
C ILE B 114 -3.60 -16.50 10.76
N VAL B 115 -3.32 -17.73 10.30
CA VAL B 115 -3.23 -18.87 11.23
C VAL B 115 -1.87 -18.90 11.90
N LYS B 116 -1.88 -19.16 13.20
CA LYS B 116 -0.69 -19.23 14.03
C LYS B 116 0.29 -20.28 13.53
N ASP B 117 1.58 -19.96 13.62
CA ASP B 117 2.67 -20.91 13.37
C ASP B 117 2.77 -21.31 11.89
N SER B 118 2.19 -20.51 10.99
CA SER B 118 2.18 -20.78 9.55
C SER B 118 3.17 -19.95 8.77
N SER B 119 3.35 -20.31 7.50
CA SER B 119 4.17 -19.53 6.62
C SER B 119 3.60 -18.12 6.39
N ALA B 120 2.28 -18.03 6.34
CA ALA B 120 1.64 -16.74 6.21
C ALA B 120 1.99 -15.85 7.42
N ALA B 121 1.98 -16.43 8.62
CA ALA B 121 2.40 -15.71 9.81
C ALA B 121 3.87 -15.32 9.73
N ARG B 122 4.74 -16.26 9.34
CA ARG B 122 6.17 -15.97 9.30
C ARG B 122 6.50 -14.84 8.34
N ASN B 123 5.75 -14.77 7.26
CA ASN B 123 5.96 -13.80 6.22
C ASN B 123 5.16 -12.51 6.35
N GLY B 124 4.40 -12.39 7.42
CA GLY B 124 3.72 -11.13 7.69
C GLY B 124 2.60 -10.80 6.73
N LEU B 125 1.87 -11.83 6.29
CA LEU B 125 0.69 -11.63 5.46
C LEU B 125 -0.34 -10.85 6.25
N LEU B 126 -0.99 -9.90 5.57
CA LEU B 126 -1.98 -9.02 6.20
C LEU B 126 -3.39 -9.38 5.79
N THR B 127 -4.32 -9.13 6.70
CA THR B 127 -5.76 -9.30 6.43
C THR B 127 -6.37 -8.04 5.81
N GLU B 128 -7.64 -8.12 5.45
CA GLU B 128 -8.30 -7.02 4.75
C GLU B 128 -7.50 -6.63 3.50
N HIS B 129 -7.02 -7.68 2.81
CA HIS B 129 -6.31 -7.60 1.57
C HIS B 129 -6.97 -8.54 0.57
N ASN B 130 -7.05 -8.13 -0.68
CA ASN B 130 -7.43 -9.00 -1.77
C ASN B 130 -6.24 -9.69 -2.39
N ILE B 131 -6.47 -10.88 -2.92
CA ILE B 131 -5.46 -11.58 -3.71
C ILE B 131 -5.74 -11.31 -5.19
N CYS B 132 -4.75 -10.79 -5.88
CA CYS B 132 -4.88 -10.45 -7.28
C CYS B 132 -4.44 -11.63 -8.15
N GLU B 133 -3.24 -12.16 -7.88
CA GLU B 133 -2.71 -13.29 -8.61
C GLU B 133 -2.16 -14.33 -7.66
N ILE B 134 -2.21 -15.59 -8.09
CA ILE B 134 -1.51 -16.69 -7.46
C ILE B 134 -0.58 -17.30 -8.52
N ASN B 135 0.71 -17.28 -8.22
CA ASN B 135 1.74 -17.71 -9.16
C ASN B 135 1.48 -17.19 -10.57
N GLY B 136 1.08 -15.92 -10.63
CA GLY B 136 0.93 -15.24 -11.90
C GLY B 136 -0.45 -15.30 -12.51
N GLN B 137 -1.34 -16.09 -11.92
CA GLN B 137 -2.69 -16.29 -12.42
C GLN B 137 -3.71 -15.37 -11.74
N ASN B 138 -4.43 -14.57 -12.53
CA ASN B 138 -5.54 -13.75 -12.06
C ASN B 138 -6.60 -14.57 -11.35
N VAL B 139 -6.93 -14.19 -10.13
CA VAL B 139 -7.99 -14.80 -9.38
C VAL B 139 -9.09 -13.81 -9.01
N ILE B 140 -9.01 -12.57 -9.49
CA ILE B 140 -10.09 -11.61 -9.29
C ILE B 140 -11.35 -12.06 -9.98
N GLY B 141 -12.48 -12.01 -9.28
CA GLY B 141 -13.75 -12.42 -9.84
C GLY B 141 -14.03 -13.90 -9.76
N LEU B 142 -13.04 -14.72 -9.40
CA LEU B 142 -13.26 -16.16 -9.28
C LEU B 142 -14.00 -16.45 -7.99
N LYS B 143 -14.72 -17.57 -7.96
CA LYS B 143 -15.30 -18.03 -6.72
C LYS B 143 -14.19 -18.49 -5.80
N ASP B 144 -14.42 -18.35 -4.50
CA ASP B 144 -13.48 -18.83 -3.49
C ASP B 144 -13.09 -20.29 -3.76
N SER B 145 -14.05 -21.11 -4.17
CA SER B 145 -13.78 -22.53 -4.42
C SER B 145 -12.85 -22.74 -5.61
N GLN B 146 -12.93 -21.86 -6.62
CA GLN B 146 -12.05 -21.93 -7.77
C GLN B 146 -10.62 -21.53 -7.37
N ILE B 147 -10.51 -20.61 -6.42
CA ILE B 147 -9.20 -20.22 -5.92
C ILE B 147 -8.60 -21.37 -5.10
N ALA B 148 -9.43 -22.04 -4.32
CA ALA B 148 -8.99 -23.25 -3.64
C ALA B 148 -8.46 -24.30 -4.64
N ASP B 149 -9.17 -24.48 -5.75
CA ASP B 149 -8.76 -25.38 -6.83
C ASP B 149 -7.35 -25.01 -7.31
N ILE B 150 -7.15 -23.72 -7.56
CA ILE B 150 -5.86 -23.28 -8.07
C ILE B 150 -4.73 -23.57 -7.09
N LEU B 151 -4.98 -23.30 -5.83
CA LEU B 151 -3.97 -23.49 -4.80
C LEU B 151 -3.57 -24.94 -4.67
N SER B 152 -4.54 -25.83 -4.86
CA SER B 152 -4.32 -27.27 -4.73
C SER B 152 -3.26 -27.76 -5.71
N THR B 153 -3.16 -27.10 -6.86
CA THR B 153 -2.23 -27.48 -7.92
C THR B 153 -1.09 -26.49 -8.15
N SER B 154 -0.84 -25.62 -7.19
CA SER B 154 0.21 -24.63 -7.38
C SER B 154 1.59 -25.04 -6.96
N GLY B 155 1.75 -26.24 -6.39
CA GLY B 155 3.03 -26.59 -5.80
C GLY B 155 3.24 -26.05 -4.40
N THR B 156 4.41 -26.27 -3.85
CA THR B 156 4.71 -25.92 -2.47
C THR B 156 5.00 -24.44 -2.24
N VAL B 157 5.49 -23.77 -3.27
CA VAL B 157 5.74 -22.32 -3.28
C VAL B 157 4.58 -21.53 -3.86
N VAL B 158 4.04 -20.66 -3.03
CA VAL B 158 2.85 -19.92 -3.36
C VAL B 158 3.25 -18.47 -3.27
N THR B 159 3.35 -17.86 -4.43
CA THR B 159 3.61 -16.44 -4.53
C THR B 159 2.36 -15.71 -4.90
N ILE B 160 1.89 -14.88 -4.00
CA ILE B 160 0.69 -14.08 -4.24
C ILE B 160 0.94 -12.59 -4.33
N THR B 161 0.17 -11.94 -5.21
CA THR B 161 0.12 -10.53 -5.25
C THR B 161 -1.11 -10.11 -4.49
N ILE B 162 -0.96 -9.11 -3.66
CA ILE B 162 -2.04 -8.62 -2.82
C ILE B 162 -2.11 -7.12 -2.84
N MET B 163 -3.26 -6.57 -2.47
CA MET B 163 -3.36 -5.15 -2.16
C MET B 163 -4.49 -4.92 -1.14
N PRO B 164 -4.45 -3.83 -0.40
CA PRO B 164 -5.51 -3.59 0.59
C PRO B 164 -6.84 -3.58 -0.11
N ALA B 165 -7.87 -4.07 0.57
CA ALA B 165 -9.19 -4.12 -0.02
C ALA B 165 -9.80 -2.73 -0.25
N PHE B 166 -9.40 -1.73 0.53
CA PHE B 166 -10.02 -0.38 0.46
C PHE B 166 -11.55 -0.46 0.35
N GLU C 3 6.52 6.06 29.92
CA GLU C 3 5.72 4.81 30.12
C GLU C 3 4.90 4.44 28.88
N PHE C 4 4.85 5.35 27.92
CA PHE C 4 4.14 5.07 26.68
C PHE C 4 5.09 4.61 25.58
N TYR C 5 6.39 4.74 25.76
CA TYR C 5 7.32 4.16 24.82
C TYR C 5 7.86 2.86 25.39
N PHE C 6 8.25 1.95 24.50
CA PHE C 6 8.85 0.69 24.90
C PHE C 6 10.21 0.50 24.28
N ASN D 2 -18.58 -20.93 5.40
CA ASN D 2 -18.14 -20.59 4.02
C ASN D 2 -16.84 -19.77 3.96
N GLU D 3 -16.05 -19.90 5.01
CA GLU D 3 -14.65 -19.45 5.03
C GLU D 3 -13.75 -20.62 4.61
N PHE D 4 -12.76 -20.33 3.78
CA PHE D 4 -11.78 -21.32 3.35
C PHE D 4 -10.48 -21.18 4.13
N TYR D 5 -9.84 -22.31 4.38
CA TYR D 5 -8.53 -22.35 5.04
C TYR D 5 -7.52 -22.71 3.96
N PHE D 6 -6.66 -21.76 3.63
CA PHE D 6 -5.60 -21.93 2.64
C PHE D 6 -4.21 -22.09 3.25
N ASN E 2 -5.76 25.86 9.77
CA ASN E 2 -4.31 25.55 9.93
C ASN E 2 -3.75 24.66 8.79
N GLU E 3 -4.11 24.94 7.56
CA GLU E 3 -3.69 24.07 6.46
C GLU E 3 -2.82 24.77 5.47
N PHE E 4 -2.19 24.00 4.59
CA PHE E 4 -1.17 24.52 3.72
C PHE E 4 -1.50 24.09 2.32
N TYR E 5 -1.23 24.98 1.40
CA TYR E 5 -1.35 24.72 -0.03
C TYR E 5 0.07 24.56 -0.55
N PHE E 6 0.41 23.34 -0.94
CA PHE E 6 1.75 23.03 -1.42
C PHE E 6 1.79 22.86 -2.93
#